data_9E7U
#
_entry.id   9E7U
#
_cell.length_a   1.00
_cell.length_b   1.00
_cell.length_c   1.00
_cell.angle_alpha   90.00
_cell.angle_beta   90.00
_cell.angle_gamma   90.00
#
_symmetry.space_group_name_H-M   'P 1'
#
loop_
_entity.id
_entity.type
_entity.pdbx_description
1 polymer 'Ubiquitin-like protein SMT3,CCR4-NOT transcription complex subunit 8'
2 polymer 'Dot/Icm T4SS effector PieF'
3 polymer 'CCR4-NOT transcription complex subunit 1'
4 non-polymer 'MAGNESIUM ION'
5 water water
#
loop_
_entity_poly.entity_id
_entity_poly.type
_entity_poly.pdbx_seq_one_letter_code
_entity_poly.pdbx_strand_id
1 'polypeptide(L)'
;MGSSHHHHHHSSGTMSDSEVNQEAKPEVKPEVKPETHINLKVSDGSSEIFFKIKKTTPLRRLMEAFAKRQGKEMDSLRFL
YDGIRIQADQTPEDLDMEDNDIIEAHREQTGGSTGSGLEVLFQGPHMPAALVENSQVICEVWASNLEEEMRKIREIVLSY
SYIAMDTEFPGVVVRPIGEFRSSIDYQYQLLRCNVDLLKIIQLGLTFTNEKGEYPSGINTWQFNFKFNLTEDMYSQDSID
LLANSGLQFQKHEEEGIDTLHFAELLMTSGVVLCDNVKWLSFHSGYDFGYMVKLLTDSRLPEEEHEFFHILNLFFPSIYD
VKYLMKSCKNLKGGLQEVADQLDLQRIGRQHQAGSDSLLTGMAFFRMKELFFEDSIDDAKYCGRLYGLGTGVAQKQNEDV
DSAQEKMSILAIINNMQQ
;
C
2 'polypeptide(L)'
;MGSSHHHHHHSSGTGSGENLYFQGHMKRLIICNGNKLTVCTQAISSGGIVEKYTPIFSLTKESDNELTLELSGVARGYYI
IPSELTSSQARAAHLITLLTRAEESQTTDMHKILNSFVSGKITSGSMFNFENDGSFKREPEEAYNLINKI
;
A
3 'polypeptide(L)'
;MGSSHHHHHHSSGTGSGLEVLFQGPHMLEENIQEKIAFIFNNLSQSNMTQKVEELKETVKEEFMPWVSQYLVMKRVSIEP
NFHSLYSNFLDTLKNPEFNKMVLNETYRNIKVLLTSDKAAANFSDRSLLKNLGHWLGMITLAKNKPILHTDLDVKSLLLE
AYVKGQQELLYVVPFVAKVLESSIRSVVFRPPNPWTMAIMNVLAELHQEHDLKLNLKFEIEVLCKNLALDINELKPGNLL
KDKDRLKNLDEQLS
;
B
#
loop_
_chem_comp.id
_chem_comp.type
_chem_comp.name
_chem_comp.formula
MG non-polymer 'MAGNESIUM ION' 'Mg 2'
#
# COMPACT_ATOMS: atom_id res chain seq x y z
N VAL A 132 29.80 13.71 -4.22
CA VAL A 132 28.53 13.17 -3.77
C VAL A 132 28.25 13.58 -2.33
N GLU A 133 26.98 13.49 -1.92
CA GLU A 133 26.59 13.89 -0.57
C GLU A 133 25.33 13.09 -0.21
N ASN A 134 25.49 12.03 0.58
CA ASN A 134 24.39 11.18 0.97
C ASN A 134 24.10 11.27 2.46
N SER A 135 24.59 12.31 3.13
CA SER A 135 24.38 12.49 4.56
C SER A 135 23.36 13.60 4.84
N GLN A 136 23.58 14.80 4.32
CA GLN A 136 22.70 15.93 4.57
C GLN A 136 21.60 16.10 3.52
N VAL A 137 21.57 15.25 2.50
CA VAL A 137 20.51 15.28 1.52
C VAL A 137 19.70 13.99 1.46
N ILE A 138 20.28 12.86 1.87
CA ILE A 138 19.65 11.55 1.85
C ILE A 138 19.62 11.03 3.28
N CYS A 139 18.45 10.65 3.76
CA CYS A 139 18.29 10.14 5.13
C CYS A 139 17.82 8.69 5.05
N GLU A 140 18.57 7.80 5.71
CA GLU A 140 18.23 6.39 5.73
C GLU A 140 17.18 6.14 6.80
N VAL A 141 16.08 5.50 6.42
CA VAL A 141 14.99 5.20 7.33
C VAL A 141 15.01 3.71 7.63
N TRP A 142 15.37 3.37 8.85
CA TRP A 142 15.35 2.01 9.37
C TRP A 142 14.04 1.78 10.11
N ALA A 143 13.97 0.67 10.85
CA ALA A 143 12.82 0.39 11.71
C ALA A 143 12.87 1.14 13.02
N SER A 144 14.01 1.73 13.38
CA SER A 144 14.11 2.49 14.62
C SER A 144 13.61 3.92 14.42
N ASN A 145 14.22 4.64 13.47
CA ASN A 145 13.79 6.02 13.20
C ASN A 145 12.77 6.09 12.08
N LEU A 146 11.67 5.34 12.22
CA LEU A 146 10.63 5.41 11.22
C LEU A 146 9.55 6.42 11.59
N GLU A 147 9.07 6.40 12.83
CA GLU A 147 8.08 7.37 13.26
C GLU A 147 8.68 8.75 13.48
N GLU A 148 9.99 8.84 13.75
CA GLU A 148 10.64 10.13 13.86
C GLU A 148 10.80 10.80 12.50
N GLU A 149 11.16 10.03 11.47
CA GLU A 149 11.35 10.57 10.14
C GLU A 149 10.07 10.57 9.30
N MET A 150 9.01 9.94 9.77
CA MET A 150 7.70 10.09 9.16
C MET A 150 6.97 11.32 9.66
N ARG A 151 7.43 11.93 10.74
CA ARG A 151 6.86 13.19 11.21
C ARG A 151 7.31 14.36 10.35
N LYS A 152 8.53 14.31 9.81
CA LYS A 152 9.01 15.35 8.92
C LYS A 152 8.57 15.14 7.49
N ILE A 153 7.84 14.07 7.19
CA ILE A 153 7.28 13.88 5.86
C ILE A 153 5.88 14.48 5.76
N ARG A 154 5.08 14.34 6.81
CA ARG A 154 3.75 14.96 6.81
C ARG A 154 3.85 16.47 6.74
N GLU A 155 4.78 17.05 7.49
CA GLU A 155 4.98 18.49 7.49
C GLU A 155 5.76 18.99 6.28
N ILE A 156 6.31 18.09 5.46
CA ILE A 156 7.04 18.47 4.26
C ILE A 156 6.22 18.28 3.00
N VAL A 157 5.22 17.40 3.01
CA VAL A 157 4.40 17.16 1.82
C VAL A 157 3.36 18.25 1.62
N LEU A 158 3.10 19.05 2.65
CA LEU A 158 2.08 20.10 2.54
C LEU A 158 2.49 21.16 1.52
N SER A 159 3.75 21.58 1.56
CA SER A 159 4.21 22.66 0.68
C SER A 159 5.05 22.18 -0.49
N TYR A 160 5.78 21.08 -0.32
CA TYR A 160 6.61 20.50 -1.37
C TYR A 160 5.99 19.17 -1.76
N SER A 161 5.30 19.15 -2.90
CA SER A 161 4.38 18.07 -3.24
C SER A 161 4.95 17.02 -4.18
N TYR A 162 5.74 17.40 -5.19
CA TYR A 162 6.22 16.43 -6.16
C TYR A 162 7.15 15.43 -5.47
N ILE A 163 6.89 14.14 -5.70
CA ILE A 163 7.67 13.06 -5.10
C ILE A 163 8.25 12.22 -6.23
N ALA A 164 9.57 12.24 -6.35
CA ALA A 164 10.25 11.27 -7.19
C ALA A 164 10.30 9.93 -6.50
N MET A 165 10.24 8.86 -7.28
CA MET A 165 10.11 7.53 -6.72
C MET A 165 11.12 6.57 -7.33
N ASP A 166 11.73 5.76 -6.47
CA ASP A 166 12.53 4.64 -6.95
C ASP A 166 12.34 3.46 -6.03
N THR A 167 12.43 2.26 -6.58
CA THR A 167 12.26 1.02 -5.84
C THR A 167 13.37 0.04 -6.23
N GLU A 168 14.04 -0.51 -5.21
CA GLU A 168 14.97 -1.60 -5.40
C GLU A 168 14.35 -2.89 -4.88
N PHE A 169 14.41 -3.93 -5.70
CA PHE A 169 13.80 -5.23 -5.50
C PHE A 169 14.70 -6.30 -6.10
N PRO A 170 14.54 -7.57 -5.68
CA PRO A 170 15.50 -8.60 -6.09
C PRO A 170 15.34 -9.11 -7.52
N GLY A 171 14.62 -8.38 -8.36
CA GLY A 171 14.71 -8.63 -9.80
C GLY A 171 13.50 -9.29 -10.43
N VAL A 172 13.73 -10.01 -11.52
CA VAL A 172 12.69 -10.77 -12.20
C VAL A 172 13.09 -12.24 -12.15
N VAL A 173 12.19 -13.08 -11.64
CA VAL A 173 12.55 -14.44 -11.28
C VAL A 173 11.61 -15.50 -11.83
N VAL A 174 10.39 -15.14 -12.26
CA VAL A 174 9.40 -16.10 -12.69
C VAL A 174 8.78 -15.61 -13.99
N ARG A 175 8.63 -16.50 -14.96
CA ARG A 175 8.08 -16.16 -16.26
C ARG A 175 6.65 -16.68 -16.39
N PRO A 176 5.78 -15.97 -17.09
CA PRO A 176 4.39 -16.43 -17.24
C PRO A 176 4.20 -17.31 -18.46
N ILE A 177 3.20 -18.18 -18.38
CA ILE A 177 2.86 -19.10 -19.45
C ILE A 177 1.38 -19.02 -19.73
N GLY A 178 1.00 -19.48 -20.91
CA GLY A 178 -0.38 -19.49 -21.36
C GLY A 178 -0.52 -18.79 -22.70
N GLU A 179 -1.78 -18.47 -23.02
CA GLU A 179 -2.09 -17.73 -24.24
C GLU A 179 -1.94 -16.23 -23.97
N PHE A 180 -0.69 -15.83 -23.77
CA PHE A 180 -0.36 -14.45 -23.43
C PHE A 180 0.12 -13.71 -24.69
N ARG A 181 -0.84 -13.36 -25.53
CA ARG A 181 -0.60 -12.41 -26.60
C ARG A 181 -0.66 -11.01 -26.00
N SER A 182 -0.77 -9.98 -26.84
CA SER A 182 -0.95 -8.61 -26.38
C SER A 182 0.22 -8.19 -25.49
N SER A 183 1.37 -7.98 -26.13
CA SER A 183 2.63 -7.74 -25.43
C SER A 183 2.49 -6.81 -24.23
N ILE A 184 1.54 -5.87 -24.28
CA ILE A 184 1.20 -5.11 -23.08
C ILE A 184 0.67 -6.05 -21.99
N ASP A 185 -0.23 -6.96 -22.38
CA ASP A 185 -0.76 -7.92 -21.41
C ASP A 185 0.35 -8.84 -20.91
N TYR A 186 1.26 -9.23 -21.81
CA TYR A 186 2.39 -10.05 -21.38
C TYR A 186 3.24 -9.31 -20.35
N GLN A 187 3.50 -8.02 -20.60
CA GLN A 187 4.28 -7.24 -19.66
C GLN A 187 3.59 -7.14 -18.31
N TYR A 188 2.26 -6.96 -18.31
CA TYR A 188 1.55 -6.90 -17.05
C TYR A 188 1.63 -8.22 -16.29
N GLN A 189 1.49 -9.35 -16.99
CA GLN A 189 1.56 -10.63 -16.29
C GLN A 189 2.97 -10.93 -15.80
N LEU A 190 3.98 -10.50 -16.55
CA LEU A 190 5.35 -10.64 -16.08
C LEU A 190 5.59 -9.80 -14.83
N LEU A 191 4.95 -8.62 -14.76
CA LEU A 191 4.98 -7.84 -13.54
C LEU A 191 4.30 -8.59 -12.39
N ARG A 192 3.12 -9.14 -12.66
CA ARG A 192 2.31 -9.72 -11.60
C ARG A 192 2.95 -10.97 -11.01
N CYS A 193 3.47 -11.85 -11.87
CA CYS A 193 4.02 -13.11 -11.39
C CYS A 193 5.19 -12.88 -10.46
N ASN A 194 5.97 -11.82 -10.71
CA ASN A 194 7.14 -11.52 -9.89
C ASN A 194 6.79 -10.70 -8.65
N VAL A 195 5.85 -9.78 -8.76
CA VAL A 195 5.51 -8.93 -7.61
C VAL A 195 4.84 -9.75 -6.51
N ASP A 196 4.01 -10.72 -6.89
CA ASP A 196 3.29 -11.52 -5.92
C ASP A 196 4.22 -12.44 -5.12
N LEU A 197 5.47 -12.60 -5.52
CA LEU A 197 6.37 -13.55 -4.88
C LEU A 197 7.62 -12.92 -4.29
N LEU A 198 8.16 -11.89 -4.92
CA LEU A 198 9.37 -11.23 -4.44
C LEU A 198 9.02 -10.10 -3.47
N LYS A 199 10.01 -9.72 -2.66
CA LYS A 199 9.79 -8.74 -1.60
C LYS A 199 10.71 -7.53 -1.79
N ILE A 200 10.14 -6.36 -1.52
CA ILE A 200 10.86 -5.09 -1.67
C ILE A 200 12.07 -5.06 -0.76
N ILE A 201 13.09 -4.30 -1.16
CA ILE A 201 14.22 -4.06 -0.29
C ILE A 201 14.55 -2.59 -0.12
N GLN A 202 14.17 -1.69 -1.02
CA GLN A 202 14.45 -0.28 -0.76
C GLN A 202 13.45 0.59 -1.52
N LEU A 203 13.13 1.74 -0.93
CA LEU A 203 12.24 2.69 -1.58
C LEU A 203 12.72 4.11 -1.31
N GLY A 204 13.03 4.87 -2.35
CA GLY A 204 13.54 6.21 -2.22
C GLY A 204 12.54 7.23 -2.73
N LEU A 205 12.27 8.24 -1.90
CA LEU A 205 11.37 9.33 -2.21
C LEU A 205 12.09 10.66 -2.08
N THR A 206 11.94 11.53 -3.08
CA THR A 206 12.56 12.85 -3.10
C THR A 206 11.48 13.90 -3.28
N PHE A 207 11.53 14.94 -2.45
CA PHE A 207 10.47 15.94 -2.40
C PHE A 207 10.91 17.23 -3.07
N THR A 208 10.03 17.78 -3.91
CA THR A 208 10.33 18.96 -4.71
C THR A 208 9.03 19.74 -4.87
N ASN A 209 9.15 21.02 -5.22
CA ASN A 209 7.99 21.83 -5.52
C ASN A 209 7.91 22.07 -7.04
N GLU A 210 6.94 22.90 -7.44
CA GLU A 210 6.67 23.08 -8.87
C GLU A 210 7.87 23.65 -9.60
N LYS A 211 8.47 24.72 -9.07
CA LYS A 211 9.60 25.34 -9.75
C LYS A 211 10.80 24.40 -9.80
N GLY A 212 11.08 23.71 -8.70
CA GLY A 212 12.18 22.77 -8.68
C GLY A 212 13.03 22.85 -7.43
N GLU A 213 12.69 23.73 -6.51
CA GLU A 213 13.49 23.90 -5.31
C GLU A 213 13.32 22.70 -4.38
N TYR A 214 14.28 22.55 -3.48
CA TYR A 214 14.28 21.45 -2.55
C TYR A 214 14.00 21.94 -1.14
N PRO A 215 13.42 21.10 -0.29
CA PRO A 215 12.98 21.57 1.03
C PRO A 215 14.09 21.77 2.06
N SER A 216 15.06 22.62 1.75
CA SER A 216 15.97 23.21 2.74
C SER A 216 16.65 22.15 3.61
N GLY A 217 17.45 21.32 2.96
CA GLY A 217 18.19 20.30 3.68
C GLY A 217 17.88 18.89 3.23
N ILE A 218 17.37 18.06 4.13
CA ILE A 218 17.08 16.68 3.79
C ILE A 218 15.88 16.65 2.86
N ASN A 219 16.09 16.18 1.63
CA ASN A 219 15.00 16.10 0.67
C ASN A 219 14.78 14.70 0.11
N THR A 220 15.61 13.71 0.48
CA THR A 220 15.39 12.35 0.01
C THR A 220 15.39 11.41 1.20
N TRP A 221 14.39 10.53 1.24
CA TRP A 221 14.27 9.50 2.27
C TRP A 221 14.42 8.14 1.61
N GLN A 222 15.32 7.33 2.17
CA GLN A 222 15.67 6.01 1.65
C GLN A 222 15.18 4.98 2.66
N PHE A 223 13.99 4.44 2.44
CA PHE A 223 13.41 3.47 3.33
C PHE A 223 14.02 2.10 3.07
N ASN A 224 14.55 1.48 4.11
CA ASN A 224 15.16 0.16 4.01
C ASN A 224 14.24 -0.86 4.67
N PHE A 225 13.93 -1.93 3.95
CA PHE A 225 12.96 -2.92 4.39
C PHE A 225 13.65 -4.18 4.90
N LYS A 226 12.85 -5.16 5.29
CA LYS A 226 13.36 -6.42 5.80
C LYS A 226 13.61 -7.40 4.66
N PHE A 227 14.74 -8.08 4.71
CA PHE A 227 15.11 -9.02 3.65
C PHE A 227 16.19 -9.95 4.19
N ASN A 228 15.87 -11.24 4.26
CA ASN A 228 16.81 -12.25 4.71
C ASN A 228 17.39 -12.95 3.49
N LEU A 229 18.71 -12.83 3.32
CA LEU A 229 19.38 -13.39 2.14
C LEU A 229 19.36 -14.91 2.13
N THR A 230 18.97 -15.56 3.23
CA THR A 230 18.97 -17.01 3.33
C THR A 230 17.60 -17.63 3.13
N GLU A 231 16.52 -16.90 3.41
CA GLU A 231 15.18 -17.49 3.38
C GLU A 231 14.22 -16.66 2.53
N ASP A 232 14.71 -16.01 1.49
CA ASP A 232 13.88 -15.16 0.65
C ASP A 232 14.05 -15.54 -0.83
N MET A 233 13.36 -14.79 -1.68
CA MET A 233 13.39 -14.99 -3.13
C MET A 233 14.26 -13.92 -3.76
N TYR A 234 15.22 -14.34 -4.56
CA TYR A 234 16.08 -13.37 -5.24
C TYR A 234 16.78 -14.04 -6.41
N SER A 235 17.27 -13.21 -7.33
CA SER A 235 18.13 -13.63 -8.43
C SER A 235 19.54 -13.18 -8.12
N GLN A 236 20.50 -14.11 -8.22
CA GLN A 236 21.86 -13.79 -7.82
C GLN A 236 22.53 -12.76 -8.71
N ASP A 237 22.01 -12.49 -9.91
CA ASP A 237 22.57 -11.45 -10.75
C ASP A 237 22.10 -10.05 -10.38
N SER A 238 21.04 -9.93 -9.58
CA SER A 238 20.59 -8.66 -9.07
C SER A 238 21.11 -8.40 -7.66
N ILE A 239 21.02 -9.41 -6.79
CA ILE A 239 21.52 -9.27 -5.43
C ILE A 239 23.01 -9.01 -5.42
N ASP A 240 23.75 -9.67 -6.31
CA ASP A 240 25.20 -9.49 -6.33
C ASP A 240 25.58 -8.06 -6.67
N LEU A 241 24.97 -7.49 -7.71
CA LEU A 241 25.36 -6.14 -8.11
C LEU A 241 24.78 -5.10 -7.16
N LEU A 242 23.65 -5.39 -6.50
CA LEU A 242 23.18 -4.50 -5.45
C LEU A 242 24.13 -4.51 -4.25
N ALA A 243 24.65 -5.69 -3.88
CA ALA A 243 25.63 -5.76 -2.81
C ALA A 243 26.91 -5.03 -3.19
N ASN A 244 27.31 -5.13 -4.46
CA ASN A 244 28.44 -4.34 -4.94
C ASN A 244 28.15 -2.85 -4.82
N SER A 245 26.92 -2.45 -5.15
CA SER A 245 26.54 -1.04 -5.06
C SER A 245 26.56 -0.55 -3.63
N GLY A 246 26.24 -1.41 -2.66
CA GLY A 246 26.46 -1.04 -1.28
C GLY A 246 25.40 -1.41 -0.27
N LEU A 247 24.33 -2.06 -0.70
CA LEU A 247 23.27 -2.44 0.23
C LEU A 247 23.78 -3.42 1.27
N GLN A 248 23.35 -3.23 2.52
CA GLN A 248 23.82 -4.04 3.64
C GLN A 248 22.78 -5.11 3.95
N PHE A 249 23.04 -6.32 3.49
CA PHE A 249 22.11 -7.43 3.64
C PHE A 249 22.22 -8.12 5.00
N GLN A 250 23.21 -7.77 5.80
CA GLN A 250 23.22 -8.18 7.20
C GLN A 250 22.43 -7.20 8.06
N LYS A 251 22.51 -5.91 7.75
CA LYS A 251 21.72 -4.91 8.47
C LYS A 251 20.25 -4.99 8.09
N HIS A 252 19.94 -5.33 6.84
CA HIS A 252 18.53 -5.45 6.44
C HIS A 252 17.82 -6.53 7.24
N GLU A 253 18.52 -7.60 7.58
CA GLU A 253 17.89 -8.69 8.32
C GLU A 253 17.48 -8.25 9.73
N GLU A 254 18.32 -7.46 10.40
CA GLU A 254 18.04 -7.11 11.79
C GLU A 254 17.17 -5.87 11.93
N GLU A 255 17.61 -4.73 11.40
CA GLU A 255 16.87 -3.47 11.49
C GLU A 255 16.30 -3.17 10.10
N GLY A 256 15.05 -3.51 9.88
CA GLY A 256 14.42 -3.25 8.61
C GLY A 256 12.96 -2.93 8.83
N ILE A 257 12.41 -2.11 7.94
CA ILE A 257 11.03 -1.66 8.06
C ILE A 257 10.11 -2.78 7.62
N ASP A 258 9.12 -3.09 8.46
CA ASP A 258 8.07 -4.00 8.06
C ASP A 258 7.11 -3.30 7.10
N THR A 259 6.73 -4.01 6.04
CA THR A 259 5.90 -3.43 4.99
C THR A 259 4.52 -3.04 5.51
N LEU A 260 3.92 -3.86 6.38
CA LEU A 260 2.61 -3.53 6.92
C LEU A 260 2.65 -2.24 7.73
N HIS A 261 3.65 -2.09 8.58
CA HIS A 261 3.79 -0.87 9.38
C HIS A 261 4.05 0.33 8.48
N PHE A 262 4.89 0.17 7.46
CA PHE A 262 5.15 1.28 6.55
C PHE A 262 3.88 1.70 5.82
N ALA A 263 3.09 0.73 5.36
CA ALA A 263 1.85 1.06 4.67
C ALA A 263 0.87 1.76 5.61
N GLU A 264 0.77 1.28 6.86
CA GLU A 264 -0.13 1.91 7.81
C GLU A 264 0.26 3.36 8.05
N LEU A 265 1.56 3.64 8.14
CA LEU A 265 1.99 5.03 8.30
C LEU A 265 1.83 5.82 7.01
N LEU A 266 1.85 5.16 5.86
CA LEU A 266 1.77 5.87 4.59
C LEU A 266 0.34 6.31 4.28
N MET A 267 -0.65 5.49 4.61
CA MET A 267 -2.03 5.83 4.25
C MET A 267 -2.50 7.10 4.95
N THR A 268 -2.22 7.23 6.25
CA THR A 268 -2.59 8.44 6.98
C THR A 268 -1.44 9.42 7.06
N SER A 269 -0.91 9.81 5.90
CA SER A 269 0.21 10.73 5.86
C SER A 269 -0.04 11.87 4.87
N GLY A 270 -0.93 11.63 3.91
CA GLY A 270 -1.20 12.58 2.87
C GLY A 270 -0.31 12.43 1.65
N VAL A 271 0.71 11.58 1.73
CA VAL A 271 1.55 11.31 0.57
C VAL A 271 0.76 10.54 -0.49
N VAL A 272 -0.02 9.55 -0.06
CA VAL A 272 -0.83 8.75 -0.96
C VAL A 272 -2.29 9.16 -0.80
N LEU A 273 -3.07 8.93 -1.85
CA LEU A 273 -4.51 9.15 -1.91
C LEU A 273 -4.91 10.61 -1.93
N CYS A 274 -3.96 11.53 -2.05
CA CYS A 274 -4.27 12.95 -2.12
C CYS A 274 -4.43 13.35 -3.58
N ASP A 275 -4.55 14.64 -3.84
CA ASP A 275 -4.75 15.15 -5.19
C ASP A 275 -3.67 16.10 -5.66
N ASN A 276 -3.03 16.84 -4.74
CA ASN A 276 -1.98 17.76 -5.14
C ASN A 276 -0.63 17.09 -5.34
N VAL A 277 -0.48 15.85 -4.89
CA VAL A 277 0.78 15.15 -5.03
C VAL A 277 0.90 14.61 -6.45
N LYS A 278 2.02 14.90 -7.11
CA LYS A 278 2.27 14.49 -8.48
C LYS A 278 3.53 13.64 -8.49
N TRP A 279 3.37 12.32 -8.55
CA TRP A 279 4.50 11.41 -8.51
C TRP A 279 5.27 11.43 -9.82
N LEU A 280 6.58 11.23 -9.71
CA LEU A 280 7.48 11.19 -10.85
C LEU A 280 8.28 9.89 -10.76
N SER A 281 8.50 9.26 -11.92
CA SER A 281 9.17 7.98 -11.92
C SER A 281 9.77 7.72 -13.30
N PHE A 282 10.66 6.73 -13.35
CA PHE A 282 11.38 6.36 -14.56
C PHE A 282 11.20 4.85 -14.75
N HIS A 283 10.50 4.46 -15.82
CA HIS A 283 10.28 3.05 -16.14
C HIS A 283 9.74 2.31 -14.92
N SER A 284 8.65 2.83 -14.37
CA SER A 284 8.14 2.38 -13.08
C SER A 284 7.06 1.32 -13.25
N GLY A 285 7.42 0.24 -13.93
CA GLY A 285 6.56 -0.91 -13.99
C GLY A 285 6.45 -1.56 -12.63
N TYR A 286 7.58 -2.07 -12.15
CA TYR A 286 7.60 -2.74 -10.86
C TYR A 286 7.58 -1.78 -9.68
N ASP A 287 7.97 -0.53 -9.90
CA ASP A 287 8.01 0.44 -8.79
C ASP A 287 6.61 0.68 -8.22
N PHE A 288 5.61 0.78 -9.08
CA PHE A 288 4.25 1.06 -8.65
C PHE A 288 3.45 -0.20 -8.35
N GLY A 289 3.99 -1.38 -8.65
CA GLY A 289 3.29 -2.61 -8.35
C GLY A 289 3.65 -3.14 -6.99
N TYR A 290 4.93 -3.01 -6.63
CA TYR A 290 5.39 -3.47 -5.33
C TYR A 290 4.67 -2.73 -4.21
N MET A 291 4.42 -1.44 -4.40
CA MET A 291 3.72 -0.67 -3.37
C MET A 291 2.21 -0.76 -3.45
N VAL A 292 1.64 -1.04 -4.63
CA VAL A 292 0.24 -1.40 -4.66
C VAL A 292 0.01 -2.68 -3.88
N LYS A 293 0.90 -3.66 -4.02
CA LYS A 293 0.84 -4.83 -3.17
C LYS A 293 1.08 -4.46 -1.71
N LEU A 294 2.05 -3.59 -1.45
CA LEU A 294 2.35 -3.18 -0.09
C LEU A 294 1.21 -2.38 0.52
N LEU A 295 0.58 -1.49 -0.26
CA LEU A 295 -0.45 -0.61 0.28
C LEU A 295 -1.81 -1.29 0.37
N THR A 296 -2.03 -2.40 -0.32
CA THR A 296 -3.29 -3.12 -0.24
C THR A 296 -3.17 -4.46 0.48
N ASP A 297 -1.95 -4.97 0.67
CA ASP A 297 -1.73 -6.25 1.35
C ASP A 297 -2.51 -7.37 0.68
N SER A 298 -2.58 -7.32 -0.65
CA SER A 298 -3.28 -8.32 -1.43
C SER A 298 -2.61 -8.46 -2.78
N ARG A 299 -2.83 -9.60 -3.42
CA ARG A 299 -2.25 -9.84 -4.72
C ARG A 299 -2.83 -8.87 -5.74
N LEU A 300 -2.04 -8.61 -6.78
CA LEU A 300 -2.43 -7.66 -7.80
C LEU A 300 -3.58 -8.21 -8.64
N PRO A 301 -4.39 -7.32 -9.24
CA PRO A 301 -5.53 -7.79 -10.04
C PRO A 301 -5.09 -8.57 -11.26
N GLU A 302 -6.03 -9.35 -11.81
CA GLU A 302 -5.70 -10.26 -12.90
C GLU A 302 -5.46 -9.53 -14.21
N GLU A 303 -6.31 -8.57 -14.56
CA GLU A 303 -6.11 -7.77 -15.77
C GLU A 303 -5.61 -6.39 -15.39
N GLU A 304 -5.25 -5.61 -16.41
CA GLU A 304 -4.80 -4.25 -16.21
C GLU A 304 -5.93 -3.29 -15.89
N HIS A 305 -7.17 -3.64 -16.25
CA HIS A 305 -8.30 -2.76 -16.01
C HIS A 305 -8.47 -2.49 -14.52
N GLU A 306 -8.35 -3.53 -13.70
CA GLU A 306 -8.49 -3.39 -12.26
C GLU A 306 -7.19 -3.00 -11.58
N PHE A 307 -6.08 -2.97 -12.29
CA PHE A 307 -4.83 -2.47 -11.72
C PHE A 307 -4.74 -0.96 -11.86
N PHE A 308 -5.00 -0.43 -13.05
CA PHE A 308 -4.90 1.01 -13.24
C PHE A 308 -6.02 1.75 -12.52
N HIS A 309 -7.17 1.10 -12.34
CA HIS A 309 -8.25 1.73 -11.58
C HIS A 309 -7.84 1.97 -10.14
N ILE A 310 -7.15 1.01 -9.52
CA ILE A 310 -6.72 1.20 -8.14
C ILE A 310 -5.48 2.07 -8.07
N LEU A 311 -4.63 2.02 -9.10
CA LEU A 311 -3.47 2.91 -9.15
C LEU A 311 -3.91 4.36 -9.24
N ASN A 312 -4.99 4.64 -9.96
CA ASN A 312 -5.50 6.00 -10.03
C ASN A 312 -6.07 6.47 -8.71
N LEU A 313 -6.64 5.58 -7.91
CA LEU A 313 -7.11 5.94 -6.59
C LEU A 313 -5.96 6.21 -5.63
N PHE A 314 -4.89 5.42 -5.72
CA PHE A 314 -3.76 5.62 -4.82
C PHE A 314 -2.92 6.81 -5.25
N PHE A 315 -2.31 6.74 -6.43
CA PHE A 315 -1.48 7.81 -6.97
C PHE A 315 -2.14 8.37 -8.22
N PRO A 316 -2.81 9.52 -8.14
CA PRO A 316 -3.51 10.03 -9.33
C PRO A 316 -2.58 10.50 -10.45
N SER A 317 -1.47 11.17 -10.12
CA SER A 317 -0.57 11.72 -11.12
C SER A 317 0.70 10.87 -11.19
N ILE A 318 0.95 10.30 -12.37
CA ILE A 318 2.01 9.30 -12.57
C ILE A 318 2.97 9.73 -13.67
N TYR A 319 3.31 11.01 -13.72
CA TYR A 319 4.27 11.50 -14.72
C TYR A 319 5.44 10.55 -14.87
N ASP A 320 5.58 9.97 -16.06
CA ASP A 320 6.61 8.97 -16.33
C ASP A 320 7.64 9.53 -17.30
N VAL A 321 8.88 9.65 -16.82
CA VAL A 321 9.93 10.29 -17.60
C VAL A 321 10.22 9.51 -18.88
N LYS A 322 10.10 8.19 -18.86
CA LYS A 322 10.38 7.44 -20.08
C LYS A 322 9.30 7.64 -21.13
N TYR A 323 8.04 7.73 -20.70
CA TYR A 323 6.99 8.05 -21.65
C TYR A 323 7.17 9.44 -22.23
N LEU A 324 7.56 10.41 -21.39
CA LEU A 324 7.91 11.71 -21.94
C LEU A 324 9.11 11.62 -22.87
N MET A 325 9.99 10.64 -22.63
CA MET A 325 11.18 10.46 -23.46
C MET A 325 10.81 9.98 -24.84
N LYS A 326 9.90 9.02 -24.95
CA LYS A 326 9.51 8.55 -26.27
C LYS A 326 8.50 9.48 -26.94
N SER A 327 8.80 10.77 -26.85
CA SER A 327 8.21 11.81 -27.68
C SER A 327 9.25 12.88 -27.97
N CYS A 328 10.49 12.69 -27.51
CA CYS A 328 11.54 13.68 -27.58
C CYS A 328 12.44 13.42 -28.78
N LYS A 329 13.18 14.46 -29.17
CA LYS A 329 13.89 14.42 -30.45
C LYS A 329 14.95 13.32 -30.46
N ASN A 330 15.76 13.25 -29.42
CA ASN A 330 16.90 12.34 -29.42
C ASN A 330 17.10 11.56 -28.13
N LEU A 331 16.44 11.92 -27.03
CA LEU A 331 16.73 11.34 -25.73
C LEU A 331 16.26 9.89 -25.71
N LYS A 332 17.23 8.96 -25.59
CA LYS A 332 16.92 7.54 -25.56
C LYS A 332 17.96 6.83 -24.71
N GLY A 333 17.58 5.67 -24.18
CA GLY A 333 18.48 4.89 -23.36
C GLY A 333 17.97 4.67 -21.95
N GLY A 334 18.88 4.55 -21.00
CA GLY A 334 18.52 4.38 -19.61
C GLY A 334 18.74 5.63 -18.78
N LEU A 335 18.64 5.46 -17.46
CA LEU A 335 18.73 6.60 -16.57
C LEU A 335 20.11 7.23 -16.57
N GLN A 336 21.16 6.41 -16.43
CA GLN A 336 22.50 6.96 -16.43
C GLN A 336 22.93 7.40 -17.83
N GLU A 337 22.39 6.74 -18.86
CA GLU A 337 22.70 7.13 -20.24
C GLU A 337 21.95 8.36 -20.69
N VAL A 338 20.95 8.82 -19.94
CA VAL A 338 20.33 10.11 -20.20
C VAL A 338 20.77 11.19 -19.21
N ALA A 339 21.28 10.81 -18.04
CA ALA A 339 21.84 11.80 -17.13
C ALA A 339 23.12 12.42 -17.68
N ASP A 340 23.77 11.78 -18.65
CA ASP A 340 24.89 12.38 -19.34
C ASP A 340 24.45 13.29 -20.48
N GLN A 341 23.34 12.97 -21.14
CA GLN A 341 22.83 13.85 -22.19
C GLN A 341 22.19 15.10 -21.60
N LEU A 342 21.55 14.98 -20.44
CA LEU A 342 20.96 16.13 -19.79
C LEU A 342 21.96 16.95 -18.99
N ASP A 343 23.20 16.47 -18.84
CA ASP A 343 24.23 17.14 -18.06
C ASP A 343 23.76 17.32 -16.61
N LEU A 344 23.57 16.20 -15.93
CA LEU A 344 23.16 16.16 -14.54
C LEU A 344 24.17 15.37 -13.72
N GLN A 345 24.47 15.87 -12.53
CA GLN A 345 25.42 15.20 -11.65
C GLN A 345 24.67 14.36 -10.62
N ARG A 346 25.10 13.11 -10.47
CA ARG A 346 24.45 12.18 -9.57
C ARG A 346 24.95 12.41 -8.15
N ILE A 347 24.03 12.55 -7.21
CA ILE A 347 24.34 12.77 -5.81
C ILE A 347 24.06 11.47 -5.06
N GLY A 348 25.12 10.83 -4.57
CA GLY A 348 24.98 9.59 -3.84
C GLY A 348 25.82 8.46 -4.42
N ARG A 349 25.29 7.25 -4.39
CA ARG A 349 25.94 6.10 -4.99
C ARG A 349 24.97 5.41 -5.93
N GLN A 350 25.51 4.86 -7.01
CA GLN A 350 24.69 4.39 -8.11
C GLN A 350 23.85 3.18 -7.70
N HIS A 351 22.80 2.94 -8.50
CA HIS A 351 21.95 1.76 -8.40
C HIS A 351 21.15 1.72 -7.10
N GLN A 352 21.29 2.74 -6.25
CA GLN A 352 20.54 2.80 -5.02
C GLN A 352 19.15 3.41 -5.29
N ALA A 353 18.35 3.50 -4.24
CA ALA A 353 16.99 4.02 -4.37
C ALA A 353 16.95 5.53 -4.18
N GLY A 354 17.54 6.03 -3.10
CA GLY A 354 17.52 7.46 -2.83
C GLY A 354 18.30 8.29 -3.81
N SER A 355 19.46 7.79 -4.26
CA SER A 355 20.31 8.54 -5.18
C SER A 355 19.86 8.45 -6.61
N ASP A 356 18.89 7.60 -6.92
CA ASP A 356 18.34 7.53 -8.26
C ASP A 356 17.03 8.29 -8.39
N SER A 357 16.26 8.39 -7.31
CA SER A 357 15.09 9.27 -7.30
C SER A 357 15.48 10.73 -7.49
N LEU A 358 16.59 11.15 -6.90
CA LEU A 358 17.07 12.52 -7.12
C LEU A 358 17.38 12.76 -8.58
N LEU A 359 18.05 11.80 -9.23
CA LEU A 359 18.37 11.96 -10.64
C LEU A 359 17.10 11.94 -11.49
N THR A 360 16.12 11.12 -11.12
CA THR A 360 14.83 11.14 -11.81
C THR A 360 14.17 12.50 -11.73
N GLY A 361 14.15 13.09 -10.53
CA GLY A 361 13.53 14.39 -10.37
C GLY A 361 14.23 15.48 -11.16
N MET A 362 15.56 15.50 -11.10
CA MET A 362 16.31 16.50 -11.85
C MET A 362 16.12 16.30 -13.35
N ALA A 363 16.08 15.05 -13.81
CA ALA A 363 15.87 14.78 -15.22
C ALA A 363 14.50 15.29 -15.69
N PHE A 364 13.46 15.06 -14.89
CA PHE A 364 12.15 15.56 -15.30
C PHE A 364 12.15 17.08 -15.31
N PHE A 365 12.70 17.71 -14.28
CA PHE A 365 12.64 19.16 -14.22
C PHE A 365 13.56 19.82 -15.22
N ARG A 366 14.44 19.06 -15.88
CA ARG A 366 15.16 19.59 -17.03
C ARG A 366 14.43 19.33 -18.33
N MET A 367 13.85 18.14 -18.49
CA MET A 367 13.14 17.82 -19.73
C MET A 367 11.92 18.71 -19.91
N LYS A 368 11.11 18.87 -18.86
CA LYS A 368 9.92 19.69 -18.95
C LYS A 368 10.27 21.15 -19.23
N GLU A 369 11.37 21.62 -18.66
CA GLU A 369 11.77 23.01 -18.88
C GLU A 369 12.30 23.21 -20.29
N LEU A 370 13.01 22.21 -20.83
CA LEU A 370 13.78 22.46 -22.06
C LEU A 370 13.03 22.04 -23.32
N PHE A 371 12.43 20.85 -23.33
CA PHE A 371 11.75 20.31 -24.51
C PHE A 371 10.27 20.67 -24.58
N PHE A 372 9.55 20.61 -23.47
CA PHE A 372 8.09 20.71 -23.50
C PHE A 372 7.57 22.14 -23.34
N GLU A 373 8.47 23.13 -23.24
CA GLU A 373 8.10 24.54 -23.14
C GLU A 373 7.23 24.80 -21.89
N ASP A 374 7.72 24.28 -20.77
CA ASP A 374 7.12 24.47 -19.44
C ASP A 374 5.62 24.13 -19.53
N SER A 375 5.36 22.85 -19.78
CA SER A 375 4.02 22.29 -19.80
C SER A 375 4.12 20.79 -19.91
N ILE A 376 3.33 20.08 -19.12
CA ILE A 376 3.12 18.65 -19.31
C ILE A 376 1.64 18.44 -19.52
N ASP A 377 1.25 18.16 -20.77
CA ASP A 377 -0.17 18.00 -21.08
C ASP A 377 -0.72 16.79 -20.33
N ASP A 378 -1.79 17.03 -19.57
CA ASP A 378 -2.34 15.98 -18.72
C ASP A 378 -2.90 14.82 -19.55
N ALA A 379 -3.55 15.13 -20.67
CA ALA A 379 -4.32 14.12 -21.38
C ALA A 379 -3.44 13.02 -21.94
N LYS A 380 -2.28 13.37 -22.50
CA LYS A 380 -1.47 12.37 -23.20
C LYS A 380 -0.40 11.76 -22.30
N TYR A 381 0.42 12.59 -21.65
CA TYR A 381 1.63 12.11 -21.01
C TYR A 381 1.45 11.76 -19.54
N CYS A 382 0.26 11.93 -18.97
CA CYS A 382 0.05 11.70 -17.55
C CYS A 382 -0.83 10.48 -17.32
N GLY A 383 -0.57 9.78 -16.22
CA GLY A 383 -1.30 8.59 -15.88
C GLY A 383 -0.85 7.33 -16.59
N ARG A 384 0.18 7.41 -17.43
CA ARG A 384 0.64 6.28 -18.21
C ARG A 384 2.04 5.86 -17.75
N LEU A 385 2.33 4.59 -17.98
CA LEU A 385 3.62 4.00 -17.64
C LEU A 385 4.29 3.55 -18.93
N TYR A 386 5.50 2.98 -18.80
CA TYR A 386 6.21 2.43 -19.95
C TYR A 386 5.93 0.93 -20.03
N GLY A 387 5.42 0.49 -21.18
CA GLY A 387 5.09 -0.90 -21.35
C GLY A 387 3.64 -1.21 -21.05
N LEU A 388 3.18 -0.84 -19.85
CA LEU A 388 1.81 -1.15 -19.47
C LEU A 388 0.81 -0.28 -20.22
N GLY A 389 1.17 0.95 -20.53
CA GLY A 389 0.29 1.85 -21.24
C GLY A 389 0.52 1.87 -22.73
N MET B 26 22.96 -29.01 -17.48
CA MET B 26 21.58 -29.45 -17.49
C MET B 26 20.70 -28.48 -16.71
N LYS B 27 19.47 -28.28 -17.17
CA LYS B 27 18.56 -27.33 -16.56
C LYS B 27 17.32 -28.01 -16.01
N ARG B 28 16.66 -27.35 -15.06
CA ARG B 28 15.45 -27.86 -14.45
C ARG B 28 14.37 -26.79 -14.48
N LEU B 29 13.12 -27.23 -14.44
CA LEU B 29 11.97 -26.38 -14.62
C LEU B 29 10.89 -26.77 -13.64
N ILE B 30 10.11 -25.78 -13.18
CA ILE B 30 8.96 -26.01 -12.31
C ILE B 30 7.77 -25.28 -12.90
N ILE B 31 6.67 -25.99 -13.10
CA ILE B 31 5.45 -25.43 -13.67
C ILE B 31 4.36 -25.52 -12.62
N CYS B 32 3.73 -24.38 -12.32
CA CYS B 32 2.66 -24.30 -11.32
C CYS B 32 1.39 -23.94 -12.08
N ASN B 33 0.67 -24.96 -12.53
CA ASN B 33 -0.57 -24.78 -13.29
C ASN B 33 -1.78 -24.91 -12.37
N GLY B 34 -1.82 -24.05 -11.36
CA GLY B 34 -2.92 -24.05 -10.41
C GLY B 34 -2.68 -24.99 -9.26
N ASN B 35 -3.26 -26.19 -9.34
CA ASN B 35 -3.14 -27.18 -8.29
C ASN B 35 -2.09 -28.24 -8.57
N LYS B 36 -1.34 -28.10 -9.67
CA LYS B 36 -0.33 -29.08 -10.06
C LYS B 36 1.04 -28.41 -10.13
N LEU B 37 1.97 -28.92 -9.33
CA LEU B 37 3.35 -28.48 -9.34
C LEU B 37 4.18 -29.57 -10.00
N THR B 38 4.61 -29.33 -11.23
CA THR B 38 5.37 -30.31 -11.99
C THR B 38 6.84 -29.90 -12.02
N VAL B 39 7.72 -30.86 -11.73
CA VAL B 39 9.16 -30.65 -11.79
C VAL B 39 9.69 -31.43 -12.99
N CYS B 40 10.47 -30.77 -13.83
CA CYS B 40 10.92 -31.36 -15.09
C CYS B 40 12.40 -31.09 -15.29
N THR B 41 13.05 -31.97 -16.06
CA THR B 41 14.46 -31.86 -16.36
C THR B 41 14.69 -31.75 -17.87
N GLN B 42 15.75 -31.05 -18.24
CA GLN B 42 16.17 -31.02 -19.63
C GLN B 42 16.66 -32.39 -20.10
N ALA B 43 16.50 -32.67 -21.38
CA ALA B 43 16.98 -33.92 -21.94
C ALA B 43 17.15 -33.80 -23.46
N GLU B 51 15.25 -27.52 -26.46
CA GLU B 51 15.11 -27.50 -25.01
C GLU B 51 13.89 -28.28 -24.56
N LYS B 52 13.81 -29.55 -24.96
CA LYS B 52 12.69 -30.37 -24.55
C LYS B 52 12.85 -30.77 -23.08
N TYR B 53 11.72 -30.85 -22.39
CA TYR B 53 11.68 -31.06 -20.95
C TYR B 53 10.86 -32.30 -20.65
N THR B 54 11.42 -33.20 -19.84
CA THR B 54 10.74 -34.41 -19.42
C THR B 54 10.35 -34.29 -17.96
N PRO B 55 9.07 -34.40 -17.62
CA PRO B 55 8.68 -34.34 -16.21
C PRO B 55 9.22 -35.53 -15.43
N ILE B 56 9.50 -35.29 -14.16
CA ILE B 56 9.99 -36.32 -13.26
C ILE B 56 8.93 -36.66 -12.20
N PHE B 57 8.33 -35.64 -11.61
CA PHE B 57 7.29 -35.87 -10.62
C PHE B 57 6.40 -34.64 -10.49
N SER B 58 5.13 -34.90 -10.19
CA SER B 58 4.11 -33.88 -10.11
C SER B 58 3.36 -34.00 -8.79
N LEU B 59 3.15 -32.86 -8.14
CA LEU B 59 2.36 -32.77 -6.93
C LEU B 59 0.99 -32.23 -7.29
N THR B 60 -0.05 -32.91 -6.83
CA THR B 60 -1.43 -32.47 -7.02
C THR B 60 -2.02 -32.12 -5.67
N LYS B 61 -2.57 -30.91 -5.57
CA LYS B 61 -3.26 -30.47 -4.38
C LYS B 61 -4.72 -30.84 -4.47
N GLU B 62 -5.21 -31.61 -3.50
CA GLU B 62 -6.56 -32.13 -3.53
C GLU B 62 -7.54 -31.05 -3.10
N SER B 63 -8.77 -31.45 -2.79
CA SER B 63 -9.86 -30.51 -2.54
C SER B 63 -9.53 -29.53 -1.42
N ASP B 64 -9.40 -30.01 -0.19
CA ASP B 64 -9.15 -29.10 0.94
C ASP B 64 -7.66 -28.81 1.09
N ASN B 65 -6.88 -29.81 1.50
CA ASN B 65 -5.46 -29.60 1.72
C ASN B 65 -4.57 -30.79 1.37
N GLU B 66 -5.11 -31.89 0.84
CA GLU B 66 -4.31 -33.10 0.67
C GLU B 66 -3.33 -32.93 -0.49
N LEU B 67 -2.16 -33.56 -0.35
CA LEU B 67 -1.10 -33.51 -1.35
C LEU B 67 -0.82 -34.92 -1.86
N THR B 68 -0.72 -35.06 -3.18
CA THR B 68 -0.51 -36.36 -3.80
C THR B 68 0.68 -36.30 -4.74
N LEU B 69 1.43 -37.40 -4.79
CA LEU B 69 2.67 -37.53 -5.54
C LEU B 69 2.44 -38.41 -6.76
N GLU B 70 2.98 -38.00 -7.91
CA GLU B 70 2.78 -38.74 -9.17
C GLU B 70 4.11 -38.87 -9.94
N LEU B 71 5.14 -39.38 -9.27
CA LEU B 71 6.43 -39.58 -9.91
C LEU B 71 6.27 -40.26 -11.26
N SER B 72 6.87 -39.68 -12.30
CA SER B 72 6.64 -40.15 -13.66
C SER B 72 7.88 -39.98 -14.52
N GLY B 73 7.71 -40.08 -15.84
CA GLY B 73 8.85 -40.04 -16.74
C GLY B 73 9.52 -41.40 -16.81
N VAL B 74 10.25 -41.75 -15.77
CA VAL B 74 10.70 -43.12 -15.55
C VAL B 74 9.49 -43.91 -15.07
N ALA B 75 8.47 -43.17 -14.62
CA ALA B 75 7.13 -43.65 -14.28
C ALA B 75 7.11 -44.43 -12.98
N ARG B 76 8.28 -44.82 -12.46
CA ARG B 76 8.50 -45.34 -11.12
C ARG B 76 9.96 -45.74 -10.96
N GLY B 77 10.35 -46.13 -9.74
CA GLY B 77 11.68 -46.67 -9.54
C GLY B 77 12.76 -45.61 -9.72
N TYR B 78 13.95 -46.07 -10.16
CA TYR B 78 15.13 -45.23 -10.23
C TYR B 78 15.30 -44.44 -8.95
N TYR B 79 15.01 -43.14 -8.99
CA TYR B 79 14.97 -42.32 -7.78
C TYR B 79 14.04 -42.98 -6.77
N ILE B 80 14.59 -43.42 -5.65
CA ILE B 80 13.83 -44.17 -4.65
C ILE B 80 13.66 -43.32 -3.40
N ILE B 81 12.43 -43.21 -2.94
CA ILE B 81 12.19 -42.52 -1.67
C ILE B 81 12.68 -43.42 -0.53
N PRO B 82 13.44 -42.91 0.42
CA PRO B 82 13.97 -43.77 1.49
C PRO B 82 12.86 -44.24 2.41
N SER B 83 13.19 -45.26 3.21
CA SER B 83 12.24 -45.80 4.18
C SER B 83 11.82 -44.71 5.17
N GLU B 84 10.77 -45.00 5.93
CA GLU B 84 10.25 -44.10 6.95
C GLU B 84 9.59 -42.88 6.32
N LEU B 85 10.40 -42.01 5.71
CA LEU B 85 9.92 -40.76 5.13
C LEU B 85 8.74 -41.01 4.19
N THR B 86 7.59 -40.44 4.54
CA THR B 86 6.35 -40.78 3.84
C THR B 86 5.53 -39.55 3.45
N SER B 87 5.60 -38.48 4.25
CA SER B 87 4.78 -37.29 4.02
C SER B 87 5.13 -36.64 2.69
N SER B 88 4.14 -36.06 2.01
CA SER B 88 4.33 -35.50 0.68
C SER B 88 5.33 -34.35 0.68
N GLN B 89 5.22 -33.45 1.66
CA GLN B 89 6.21 -32.40 1.84
C GLN B 89 7.62 -32.93 1.93
N ALA B 90 7.83 -34.06 2.59
CA ALA B 90 9.16 -34.59 2.77
C ALA B 90 9.63 -35.39 1.57
N ARG B 91 8.75 -36.14 0.92
CA ARG B 91 9.12 -36.86 -0.29
C ARG B 91 9.50 -35.89 -1.39
N ALA B 92 8.73 -34.82 -1.56
CA ALA B 92 9.05 -33.84 -2.59
C ALA B 92 10.38 -33.14 -2.30
N ALA B 93 10.62 -32.80 -1.03
CA ALA B 93 11.88 -32.18 -0.67
C ALA B 93 13.06 -33.12 -0.91
N HIS B 94 12.91 -34.39 -0.55
CA HIS B 94 13.98 -35.36 -0.78
C HIS B 94 14.24 -35.55 -2.27
N LEU B 95 13.17 -35.61 -3.07
CA LEU B 95 13.34 -35.76 -4.52
C LEU B 95 14.04 -34.55 -5.12
N ILE B 96 13.69 -33.34 -4.67
CA ILE B 96 14.36 -32.16 -5.17
C ILE B 96 15.83 -32.16 -4.75
N THR B 97 16.11 -32.62 -3.53
CA THR B 97 17.50 -32.71 -3.08
C THR B 97 18.29 -33.68 -3.94
N LEU B 98 17.71 -34.84 -4.26
CA LEU B 98 18.41 -35.81 -5.09
C LEU B 98 18.59 -35.29 -6.51
N LEU B 99 17.60 -34.56 -7.03
CA LEU B 99 17.73 -33.96 -8.36
C LEU B 99 18.85 -32.93 -8.39
N THR B 100 18.94 -32.09 -7.37
CA THR B 100 19.90 -31.00 -7.36
C THR B 100 21.26 -31.37 -6.80
N ARG B 101 21.43 -32.60 -6.30
CA ARG B 101 22.70 -33.05 -5.73
C ARG B 101 23.15 -32.14 -4.59
N ALA B 102 22.21 -31.67 -3.78
CA ALA B 102 22.51 -30.75 -2.71
C ALA B 102 22.75 -31.48 -1.39
N GLU B 103 23.20 -30.72 -0.40
CA GLU B 103 23.50 -31.27 0.91
C GLU B 103 22.23 -31.54 1.69
N GLU B 104 22.35 -32.36 2.74
CA GLU B 104 21.20 -32.71 3.56
C GLU B 104 20.66 -31.50 4.31
N SER B 105 21.54 -30.78 5.01
CA SER B 105 21.13 -29.62 5.82
C SER B 105 21.14 -28.37 4.95
N GLN B 106 20.27 -28.39 3.94
CA GLN B 106 20.18 -27.32 2.97
C GLN B 106 18.75 -27.17 2.50
N THR B 107 18.28 -25.92 2.44
CA THR B 107 16.99 -25.59 1.85
C THR B 107 17.32 -24.88 0.55
N THR B 108 17.25 -25.61 -0.56
CA THR B 108 17.73 -25.08 -1.81
C THR B 108 16.68 -24.18 -2.46
N ASP B 109 17.07 -23.58 -3.57
CA ASP B 109 16.27 -22.57 -4.21
C ASP B 109 15.06 -23.14 -4.95
N MET B 110 15.02 -24.44 -5.14
CA MET B 110 13.82 -25.13 -5.59
C MET B 110 12.94 -25.54 -4.41
N HIS B 111 13.56 -25.89 -3.29
CA HIS B 111 12.80 -26.16 -2.07
C HIS B 111 11.99 -24.94 -1.66
N LYS B 112 12.56 -23.74 -1.80
CA LYS B 112 11.80 -22.55 -1.44
C LYS B 112 10.56 -22.39 -2.30
N ILE B 113 10.67 -22.65 -3.62
CA ILE B 113 9.51 -22.54 -4.50
C ILE B 113 8.47 -23.61 -4.15
N LEU B 114 8.93 -24.83 -3.85
CA LEU B 114 8.00 -25.87 -3.42
C LEU B 114 7.24 -25.44 -2.18
N ASN B 115 7.95 -24.89 -1.18
CA ASN B 115 7.31 -24.47 0.06
C ASN B 115 6.33 -23.33 -0.20
N SER B 116 6.71 -22.38 -1.06
CA SER B 116 5.79 -21.28 -1.37
C SER B 116 4.53 -21.80 -2.05
N PHE B 117 4.68 -22.76 -2.96
CA PHE B 117 3.49 -23.32 -3.60
C PHE B 117 2.59 -24.02 -2.59
N VAL B 118 3.18 -24.80 -1.69
CA VAL B 118 2.36 -25.51 -0.71
C VAL B 118 1.66 -24.53 0.21
N SER B 119 2.37 -23.51 0.67
CA SER B 119 1.77 -22.49 1.52
C SER B 119 0.80 -21.59 0.77
N GLY B 120 0.79 -21.63 -0.55
CA GLY B 120 -0.22 -20.92 -1.31
C GLY B 120 0.17 -19.55 -1.80
N LYS B 121 1.48 -19.29 -1.94
CA LYS B 121 1.93 -18.02 -2.49
C LYS B 121 2.05 -18.05 -4.01
N ILE B 122 1.85 -19.20 -4.64
CA ILE B 122 1.84 -19.31 -6.10
C ILE B 122 0.47 -19.87 -6.47
N THR B 123 -0.49 -18.97 -6.69
CA THR B 123 -1.87 -19.35 -6.97
C THR B 123 -2.22 -19.21 -8.45
N SER B 124 -1.22 -19.06 -9.31
CA SER B 124 -1.45 -18.81 -10.73
C SER B 124 -0.50 -19.65 -11.56
N GLY B 125 -0.91 -19.91 -12.80
CA GLY B 125 -0.05 -20.62 -13.73
C GLY B 125 1.25 -19.89 -13.97
N SER B 126 2.37 -20.44 -13.50
CA SER B 126 3.64 -19.76 -13.57
C SER B 126 4.75 -20.75 -13.88
N MET B 127 5.91 -20.20 -14.23
CA MET B 127 7.04 -20.96 -14.76
C MET B 127 8.30 -20.51 -14.03
N PHE B 128 9.05 -21.46 -13.46
CA PHE B 128 10.28 -21.17 -12.74
C PHE B 128 11.42 -21.97 -13.34
N ASN B 129 12.48 -21.28 -13.77
CA ASN B 129 13.65 -21.92 -14.36
C ASN B 129 14.78 -22.02 -13.34
N PHE B 130 15.58 -23.07 -13.44
CA PHE B 130 16.68 -23.27 -12.51
C PHE B 130 17.84 -23.97 -13.21
N GLU B 131 19.05 -23.69 -12.73
CA GLU B 131 20.22 -24.48 -13.09
C GLU B 131 20.24 -25.78 -12.31
N ASN B 132 21.30 -26.56 -12.52
CA ASN B 132 21.39 -27.88 -11.90
C ASN B 132 21.55 -27.77 -10.39
N ASP B 133 22.28 -26.76 -9.91
CA ASP B 133 22.51 -26.60 -8.49
C ASP B 133 21.28 -26.15 -7.72
N GLY B 134 20.24 -25.69 -8.42
CA GLY B 134 18.97 -25.37 -7.81
C GLY B 134 18.61 -23.89 -7.77
N SER B 135 19.59 -22.99 -7.95
CA SER B 135 19.27 -21.57 -7.93
C SER B 135 18.57 -21.16 -9.22
N PHE B 136 17.91 -20.00 -9.18
CA PHE B 136 17.25 -19.52 -10.38
C PHE B 136 18.25 -19.23 -11.48
N LYS B 137 17.76 -19.24 -12.72
CA LYS B 137 18.64 -19.13 -13.86
C LYS B 137 19.39 -17.80 -13.83
N ARG B 138 20.69 -17.87 -14.11
CA ARG B 138 21.53 -16.68 -14.12
C ARG B 138 21.23 -15.87 -15.37
N GLU B 139 20.75 -14.63 -15.18
CA GLU B 139 20.35 -13.75 -16.28
C GLU B 139 21.05 -12.41 -16.11
N PRO B 140 22.34 -12.34 -16.43
CA PRO B 140 23.08 -11.10 -16.21
C PRO B 140 22.57 -9.93 -17.03
N GLU B 141 22.28 -10.16 -18.31
CA GLU B 141 21.82 -9.07 -19.17
C GLU B 141 20.50 -8.51 -18.68
N GLU B 142 19.57 -9.39 -18.32
CA GLU B 142 18.29 -8.92 -17.82
C GLU B 142 18.44 -8.19 -16.49
N ALA B 143 19.28 -8.69 -15.58
CA ALA B 143 19.46 -8.02 -14.31
C ALA B 143 20.04 -6.62 -14.50
N TYR B 144 21.07 -6.52 -15.33
CA TYR B 144 21.74 -5.26 -15.59
C TYR B 144 20.81 -4.27 -16.27
N ASN B 145 19.98 -4.77 -17.19
CA ASN B 145 19.03 -3.92 -17.88
C ASN B 145 17.85 -3.50 -17.01
N LEU B 146 17.50 -4.31 -16.03
CA LEU B 146 16.37 -4.05 -15.15
C LEU B 146 16.78 -3.25 -13.92
N ILE B 147 18.09 -3.07 -13.70
CA ILE B 147 18.55 -2.26 -12.58
C ILE B 147 19.00 -0.90 -13.11
N ASN B 148 19.37 -0.85 -14.39
CA ASN B 148 19.66 0.40 -15.07
C ASN B 148 18.44 1.01 -15.75
N LYS B 149 17.27 0.38 -15.59
CA LYS B 149 16.01 0.88 -16.16
C LYS B 149 16.12 1.06 -17.67
N ILE B 150 16.74 0.09 -18.33
CA ILE B 150 16.90 0.12 -19.78
C ILE B 150 15.73 -0.60 -20.43
N GLU C 30 -30.88 37.65 8.29
CA GLU C 30 -31.60 36.67 9.08
C GLU C 30 -32.70 36.00 8.27
N ASN C 31 -33.26 36.74 7.32
CA ASN C 31 -34.30 36.18 6.45
C ASN C 31 -33.75 35.03 5.63
N ILE C 32 -32.53 35.16 5.12
CA ILE C 32 -31.89 34.09 4.38
C ILE C 32 -31.64 32.89 5.29
N GLN C 33 -31.33 33.14 6.56
CA GLN C 33 -31.03 32.06 7.48
C GLN C 33 -32.16 31.05 7.57
N GLU C 34 -33.41 31.52 7.45
CA GLU C 34 -34.55 30.61 7.47
C GLU C 34 -34.68 29.84 6.15
N LYS C 35 -34.25 30.44 5.04
CA LYS C 35 -34.37 29.78 3.75
C LYS C 35 -33.47 28.55 3.68
N ILE C 36 -32.26 28.63 4.25
CA ILE C 36 -31.37 27.47 4.27
C ILE C 36 -31.99 26.34 5.07
N ALA C 37 -32.58 26.67 6.21
CA ALA C 37 -33.26 25.66 7.02
C ALA C 37 -34.42 25.04 6.25
N PHE C 38 -35.19 25.87 5.54
CA PHE C 38 -36.30 25.35 4.76
C PHE C 38 -35.80 24.41 3.67
N ILE C 39 -34.71 24.77 3.00
CA ILE C 39 -34.17 23.93 1.93
C ILE C 39 -33.71 22.59 2.47
N PHE C 40 -33.03 22.60 3.62
CA PHE C 40 -32.54 21.36 4.19
C PHE C 40 -33.66 20.53 4.83
N ASN C 41 -34.79 21.15 5.17
CA ASN C 41 -35.81 20.44 5.95
C ASN C 41 -36.54 19.40 5.11
N ASN C 42 -36.95 19.75 3.90
CA ASN C 42 -37.78 18.88 3.07
C ASN C 42 -36.97 18.17 1.99
N LEU C 43 -35.69 17.88 2.27
CA LEU C 43 -34.84 17.27 1.27
C LEU C 43 -35.30 15.85 0.97
N SER C 44 -35.19 15.47 -0.30
CA SER C 44 -35.55 14.14 -0.73
C SER C 44 -34.69 13.77 -1.94
N GLN C 45 -34.59 12.46 -2.19
CA GLN C 45 -33.83 11.99 -3.34
C GLN C 45 -34.45 12.47 -4.66
N SER C 46 -35.76 12.63 -4.70
CA SER C 46 -36.44 12.98 -5.94
C SER C 46 -36.13 14.42 -6.36
N ASN C 47 -36.23 15.37 -5.42
CA ASN C 47 -36.07 16.78 -5.72
C ASN C 47 -34.66 17.29 -5.38
N MET C 48 -33.68 16.40 -5.30
CA MET C 48 -32.36 16.78 -4.83
C MET C 48 -31.73 17.83 -5.74
N THR C 49 -31.78 17.61 -7.06
CA THR C 49 -31.15 18.54 -7.98
C THR C 49 -31.83 19.91 -7.95
N GLN C 50 -33.17 19.92 -7.92
CA GLN C 50 -33.87 21.20 -7.92
C GLN C 50 -33.60 21.98 -6.63
N LYS C 51 -33.59 21.29 -5.49
CA LYS C 51 -33.26 21.97 -4.24
C LYS C 51 -31.82 22.46 -4.22
N VAL C 52 -30.90 21.71 -4.83
CA VAL C 52 -29.53 22.18 -4.94
C VAL C 52 -29.47 23.46 -5.75
N GLU C 53 -30.24 23.51 -6.85
CA GLU C 53 -30.29 24.73 -7.65
C GLU C 53 -30.83 25.90 -6.84
N GLU C 54 -31.88 25.66 -6.04
CA GLU C 54 -32.42 26.72 -5.20
C GLU C 54 -31.38 27.22 -4.21
N LEU C 55 -30.64 26.30 -3.58
CA LEU C 55 -29.62 26.70 -2.62
C LEU C 55 -28.50 27.50 -3.29
N LYS C 56 -28.05 27.05 -4.47
CA LYS C 56 -27.00 27.78 -5.17
C LYS C 56 -27.47 29.16 -5.60
N GLU C 57 -28.75 29.31 -5.92
CA GLU C 57 -29.27 30.64 -6.24
C GLU C 57 -29.37 31.50 -4.99
N THR C 58 -29.78 30.92 -3.86
CA THR C 58 -30.08 31.72 -2.68
C THR C 58 -28.82 32.10 -1.89
N VAL C 59 -28.09 31.10 -1.39
CA VAL C 59 -26.93 31.39 -0.56
C VAL C 59 -25.80 31.91 -1.42
N LYS C 60 -24.91 32.69 -0.81
CA LYS C 60 -23.80 33.31 -1.50
C LYS C 60 -22.54 32.48 -1.29
N GLU C 61 -21.40 32.96 -1.80
CA GLU C 61 -20.12 32.33 -1.53
C GLU C 61 -19.62 32.66 -0.12
N GLU C 62 -19.85 33.90 0.33
CA GLU C 62 -19.36 34.32 1.64
C GLU C 62 -20.05 33.54 2.76
N PHE C 63 -21.33 33.23 2.58
CA PHE C 63 -22.12 32.59 3.63
C PHE C 63 -21.99 31.07 3.64
N MET C 64 -21.16 30.51 2.77
CA MET C 64 -20.97 29.06 2.74
C MET C 64 -20.48 28.48 4.07
N PRO C 65 -19.51 29.08 4.78
CA PRO C 65 -19.14 28.53 6.09
C PRO C 65 -20.30 28.43 7.06
N TRP C 66 -21.25 29.37 7.03
CA TRP C 66 -22.41 29.27 7.89
C TRP C 66 -23.23 28.04 7.55
N VAL C 67 -23.41 27.74 6.27
CA VAL C 67 -24.17 26.56 5.87
C VAL C 67 -23.42 25.29 6.27
N SER C 68 -22.10 25.29 6.16
CA SER C 68 -21.33 24.12 6.57
C SER C 68 -21.49 23.86 8.07
N GLN C 69 -21.37 24.91 8.88
CA GLN C 69 -21.54 24.75 10.32
C GLN C 69 -22.97 24.35 10.67
N TYR C 70 -23.96 24.90 9.97
CA TYR C 70 -25.35 24.54 10.22
C TYR C 70 -25.61 23.08 9.90
N LEU C 71 -25.07 22.58 8.79
CA LEU C 71 -25.33 21.20 8.40
C LEU C 71 -24.60 20.23 9.32
N VAL C 72 -23.38 20.55 9.73
CA VAL C 72 -22.62 19.60 10.55
C VAL C 72 -22.96 19.70 12.03
N MET C 73 -23.54 20.80 12.48
CA MET C 73 -23.85 20.98 13.89
C MET C 73 -25.32 20.73 14.22
N LYS C 74 -26.24 21.14 13.36
CA LYS C 74 -27.66 21.09 13.69
C LYS C 74 -28.42 20.01 12.93
N ARG C 75 -27.92 19.53 11.80
CA ARG C 75 -28.64 18.55 10.99
C ARG C 75 -27.99 17.17 11.00
N VAL C 76 -26.71 17.07 10.67
CA VAL C 76 -26.07 15.77 10.60
C VAL C 76 -25.95 15.14 11.97
N SER C 77 -25.56 15.94 12.96
CA SER C 77 -25.08 15.34 14.20
C SER C 77 -26.20 14.88 15.10
N ILE C 78 -27.42 15.37 14.90
CA ILE C 78 -28.56 14.93 15.71
C ILE C 78 -29.51 14.03 14.93
N GLU C 79 -29.28 13.83 13.63
CA GLU C 79 -30.16 13.03 12.77
C GLU C 79 -29.32 11.96 12.08
N PRO C 80 -29.09 10.82 12.75
CA PRO C 80 -28.28 9.76 12.13
C PRO C 80 -29.01 8.97 11.07
N ASN C 81 -30.34 9.07 11.01
CA ASN C 81 -31.09 8.33 10.00
C ASN C 81 -30.90 8.91 8.61
N PHE C 82 -30.94 10.23 8.49
CA PHE C 82 -30.79 10.91 7.21
C PHE C 82 -29.35 11.33 6.99
N HIS C 83 -28.53 10.38 6.54
CA HIS C 83 -27.11 10.63 6.29
C HIS C 83 -26.72 10.39 4.84
N SER C 84 -27.28 9.35 4.22
CA SER C 84 -27.05 9.12 2.80
C SER C 84 -27.59 10.28 1.97
N LEU C 85 -28.69 10.88 2.42
CA LEU C 85 -29.22 12.05 1.73
C LEU C 85 -28.21 13.19 1.71
N TYR C 86 -27.55 13.44 2.84
CA TYR C 86 -26.61 14.54 2.91
C TYR C 86 -25.32 14.22 2.16
N SER C 87 -24.88 12.96 2.18
CA SER C 87 -23.74 12.59 1.36
C SER C 87 -24.03 12.78 -0.12
N ASN C 88 -25.23 12.40 -0.56
CA ASN C 88 -25.62 12.62 -1.94
C ASN C 88 -25.77 14.10 -2.26
N PHE C 89 -26.19 14.91 -1.28
CA PHE C 89 -26.22 16.35 -1.50
C PHE C 89 -24.82 16.89 -1.74
N LEU C 90 -23.85 16.42 -0.95
CA LEU C 90 -22.47 16.85 -1.14
C LEU C 90 -21.95 16.43 -2.51
N ASP C 91 -22.28 15.21 -2.93
CA ASP C 91 -21.85 14.75 -4.25
C ASP C 91 -22.48 15.56 -5.37
N THR C 92 -23.77 15.87 -5.26
CA THR C 92 -24.46 16.59 -6.32
C THR C 92 -23.99 18.04 -6.40
N LEU C 93 -23.71 18.65 -5.25
CA LEU C 93 -23.29 20.05 -5.26
C LEU C 93 -21.98 20.23 -6.01
N LYS C 94 -21.05 19.29 -5.86
CA LYS C 94 -19.77 19.30 -6.56
C LYS C 94 -18.97 20.57 -6.27
N ASN C 95 -18.62 20.73 -4.99
CA ASN C 95 -17.84 21.88 -4.54
C ASN C 95 -16.75 21.40 -3.61
N PRO C 96 -15.53 21.20 -4.11
CA PRO C 96 -14.44 20.72 -3.24
C PRO C 96 -14.12 21.66 -2.08
N GLU C 97 -14.24 22.97 -2.28
CA GLU C 97 -14.02 23.90 -1.18
C GLU C 97 -15.05 23.71 -0.07
N PHE C 98 -16.31 23.54 -0.45
CA PHE C 98 -17.35 23.29 0.54
C PHE C 98 -17.14 21.96 1.24
N ASN C 99 -16.71 20.94 0.51
CA ASN C 99 -16.43 19.65 1.13
C ASN C 99 -15.30 19.77 2.15
N LYS C 100 -14.25 20.52 1.81
CA LYS C 100 -13.16 20.73 2.76
C LYS C 100 -13.64 21.50 3.98
N MET C 101 -14.50 22.50 3.78
CA MET C 101 -15.05 23.24 4.91
C MET C 101 -15.85 22.31 5.84
N VAL C 102 -16.68 21.44 5.25
CA VAL C 102 -17.49 20.52 6.04
C VAL C 102 -16.61 19.57 6.83
N LEU C 103 -15.56 19.03 6.17
CA LEU C 103 -14.68 18.09 6.86
C LEU C 103 -13.93 18.78 7.99
N ASN C 104 -13.46 20.01 7.77
CA ASN C 104 -12.75 20.72 8.83
C ASN C 104 -13.67 21.01 10.00
N GLU C 105 -14.92 21.39 9.73
CA GLU C 105 -15.86 21.65 10.81
C GLU C 105 -16.17 20.37 11.59
N THR C 106 -16.29 19.24 10.89
CA THR C 106 -16.50 17.97 11.56
C THR C 106 -15.33 17.63 12.48
N TYR C 107 -14.11 17.82 11.99
CA TYR C 107 -12.93 17.53 12.81
C TYR C 107 -12.90 18.43 14.04
N ARG C 108 -13.20 19.71 13.87
CA ARG C 108 -13.21 20.63 14.99
C ARG C 108 -14.25 20.22 16.02
N ASN C 109 -15.44 19.82 15.56
CA ASN C 109 -16.49 19.40 16.49
C ASN C 109 -16.09 18.15 17.25
N ILE C 110 -15.48 17.19 16.56
CA ILE C 110 -15.03 15.97 17.22
C ILE C 110 -13.97 16.30 18.27
N LYS C 111 -13.04 17.20 17.93
CA LYS C 111 -12.03 17.59 18.90
C LYS C 111 -12.64 18.27 20.11
N VAL C 112 -13.61 19.16 19.88
CA VAL C 112 -14.24 19.86 21.00
C VAL C 112 -14.95 18.87 21.91
N LEU C 113 -15.67 17.92 21.32
CA LEU C 113 -16.36 16.92 22.13
C LEU C 113 -15.37 16.04 22.89
N LEU C 114 -14.27 15.65 22.25
CA LEU C 114 -13.34 14.72 22.87
C LEU C 114 -12.58 15.38 24.02
N THR C 115 -12.06 16.59 23.80
CA THR C 115 -11.30 17.27 24.85
C THR C 115 -12.22 18.05 25.78
N SER C 116 -13.24 17.38 26.30
CA SER C 116 -14.23 18.00 27.17
C SER C 116 -14.29 17.24 28.49
N ASP C 117 -15.04 17.79 29.44
CA ASP C 117 -15.21 17.14 30.73
C ASP C 117 -16.10 15.91 30.56
N LYS C 118 -15.52 14.73 30.76
CA LYS C 118 -16.19 13.47 30.49
C LYS C 118 -17.11 13.11 31.67
N ALA C 119 -18.24 13.81 31.72
CA ALA C 119 -19.26 13.48 32.70
C ALA C 119 -19.84 12.11 32.41
N ALA C 120 -20.18 11.37 33.48
CA ALA C 120 -20.63 9.99 33.33
C ALA C 120 -22.07 9.88 32.83
N ALA C 121 -22.83 10.97 32.80
CA ALA C 121 -24.22 10.92 32.40
C ALA C 121 -24.49 11.61 31.06
N ASN C 122 -23.45 11.89 30.28
CA ASN C 122 -23.60 12.68 29.06
C ASN C 122 -23.95 11.76 27.88
N PHE C 123 -25.16 11.19 27.97
CA PHE C 123 -25.66 10.34 26.89
C PHE C 123 -25.83 11.14 25.60
N SER C 124 -26.29 12.38 25.72
CA SER C 124 -26.43 13.22 24.54
C SER C 124 -25.09 13.45 23.87
N ASP C 125 -24.05 13.72 24.65
CA ASP C 125 -22.72 13.91 24.08
C ASP C 125 -22.20 12.64 23.44
N ARG C 126 -22.46 11.50 24.07
CA ARG C 126 -22.02 10.22 23.51
C ARG C 126 -22.67 9.97 22.15
N SER C 127 -23.99 10.19 22.06
CA SER C 127 -24.68 10.01 20.79
C SER C 127 -24.19 11.02 19.76
N LEU C 128 -23.91 12.25 20.20
CA LEU C 128 -23.40 13.29 19.31
C LEU C 128 -22.09 12.85 18.69
N LEU C 129 -21.18 12.32 19.51
CA LEU C 129 -19.89 11.87 19.01
C LEU C 129 -20.04 10.67 18.08
N LYS C 130 -20.93 9.74 18.42
CA LYS C 130 -21.14 8.57 17.57
C LYS C 130 -21.63 9.00 16.19
N ASN C 131 -22.60 9.91 16.14
CA ASN C 131 -23.14 10.35 14.86
C ASN C 131 -22.11 11.12 14.05
N LEU C 132 -21.31 11.97 14.70
CA LEU C 132 -20.28 12.69 13.97
C LEU C 132 -19.22 11.74 13.44
N GLY C 133 -18.87 10.70 14.20
CA GLY C 133 -17.90 9.73 13.70
C GLY C 133 -18.44 8.95 12.52
N HIS C 134 -19.72 8.59 12.56
CA HIS C 134 -20.37 7.98 11.42
C HIS C 134 -20.27 8.88 10.20
N TRP C 135 -20.53 10.18 10.39
CA TRP C 135 -20.46 11.13 9.28
C TRP C 135 -19.03 11.22 8.74
N LEU C 136 -18.04 11.23 9.63
CA LEU C 136 -16.64 11.28 9.20
C LEU C 136 -16.29 10.07 8.36
N GLY C 137 -16.65 8.88 8.84
CA GLY C 137 -16.36 7.68 8.08
C GLY C 137 -17.11 7.62 6.77
N MET C 138 -18.27 8.27 6.70
CA MET C 138 -19.04 8.28 5.46
C MET C 138 -18.47 9.25 4.44
N ILE C 139 -17.93 10.39 4.88
CA ILE C 139 -17.45 11.40 3.94
C ILE C 139 -15.95 11.31 3.67
N THR C 140 -15.21 10.47 4.40
CA THR C 140 -13.79 10.28 4.10
C THR C 140 -13.48 8.85 3.65
N LEU C 141 -13.77 7.85 4.49
CA LEU C 141 -13.40 6.48 4.14
C LEU C 141 -14.25 5.95 3.00
N ALA C 142 -15.57 6.18 3.05
CA ALA C 142 -16.46 5.74 2.00
C ALA C 142 -16.26 6.49 0.69
N LYS C 143 -15.53 7.59 0.71
CA LYS C 143 -15.21 8.34 -0.49
C LYS C 143 -13.82 7.99 -1.02
N ASN C 144 -13.20 6.95 -0.50
CA ASN C 144 -11.85 6.53 -0.88
C ASN C 144 -10.85 7.65 -0.63
N LYS C 145 -10.93 8.23 0.57
CA LYS C 145 -9.99 9.23 1.05
C LYS C 145 -9.60 8.88 2.48
N PRO C 146 -8.40 9.27 2.91
CA PRO C 146 -7.92 8.86 4.22
C PRO C 146 -8.27 9.85 5.33
N ILE C 147 -8.17 9.37 6.56
CA ILE C 147 -8.22 10.23 7.73
C ILE C 147 -6.78 10.65 8.04
N LEU C 148 -6.49 11.93 7.81
CA LEU C 148 -5.12 12.41 7.96
C LEU C 148 -4.69 12.36 9.42
N HIS C 149 -3.41 12.02 9.63
CA HIS C 149 -2.89 11.95 10.99
C HIS C 149 -2.78 13.33 11.61
N THR C 150 -2.45 14.35 10.81
CA THR C 150 -2.35 15.70 11.33
C THR C 150 -3.71 16.24 11.78
N ASP C 151 -4.80 15.58 11.40
CA ASP C 151 -6.13 15.99 11.80
C ASP C 151 -6.74 15.10 12.88
N LEU C 152 -6.54 13.79 12.79
CA LEU C 152 -7.06 12.87 13.79
C LEU C 152 -6.36 11.53 13.65
N ASP C 153 -5.80 11.02 14.75
CA ASP C 153 -5.17 9.71 14.79
C ASP C 153 -6.07 8.77 15.57
N VAL C 154 -6.35 7.60 15.02
CA VAL C 154 -7.34 6.69 15.61
C VAL C 154 -6.68 5.68 16.54
N LYS C 155 -5.58 5.06 16.11
CA LYS C 155 -4.88 4.10 16.96
C LYS C 155 -4.35 4.75 18.22
N SER C 156 -3.74 5.93 18.10
CA SER C 156 -3.28 6.64 19.28
C SER C 156 -4.44 7.06 20.16
N LEU C 157 -5.56 7.41 19.55
CA LEU C 157 -6.76 7.75 20.31
C LEU C 157 -7.23 6.57 21.14
N LEU C 158 -7.23 5.38 20.55
CA LEU C 158 -7.65 4.19 21.28
C LEU C 158 -6.70 3.86 22.41
N LEU C 159 -5.39 3.93 22.15
CA LEU C 159 -4.42 3.64 23.20
C LEU C 159 -4.53 4.62 24.35
N GLU C 160 -4.70 5.92 24.03
CA GLU C 160 -4.89 6.91 25.07
C GLU C 160 -6.18 6.68 25.84
N ALA C 161 -7.23 6.24 25.15
CA ALA C 161 -8.48 5.92 25.84
C ALA C 161 -8.28 4.80 26.83
N TYR C 162 -7.52 3.77 26.43
CA TYR C 162 -7.25 2.67 27.35
C TYR C 162 -6.42 3.15 28.54
N VAL C 163 -5.42 4.00 28.29
CA VAL C 163 -4.54 4.42 29.37
C VAL C 163 -5.18 5.45 30.29
N LYS C 164 -6.23 6.14 29.84
CA LYS C 164 -6.82 7.18 30.67
C LYS C 164 -7.84 6.63 31.66
N GLY C 165 -8.47 5.52 31.34
CA GLY C 165 -9.41 4.92 32.27
C GLY C 165 -10.55 4.27 31.51
N GLN C 166 -11.70 4.20 32.18
CA GLN C 166 -12.88 3.53 31.65
C GLN C 166 -13.88 4.48 31.02
N GLN C 167 -13.91 5.74 31.46
CA GLN C 167 -14.89 6.69 30.92
C GLN C 167 -14.62 7.02 29.46
N GLU C 168 -13.35 7.24 29.12
CA GLU C 168 -13.02 7.65 27.75
C GLU C 168 -13.20 6.51 26.75
N LEU C 169 -13.15 5.26 27.21
CA LEU C 169 -13.39 4.14 26.32
C LEU C 169 -14.80 4.17 25.75
N LEU C 170 -15.78 4.51 26.60
CA LEU C 170 -17.16 4.65 26.14
C LEU C 170 -17.28 5.69 25.04
N TYR C 171 -16.46 6.74 25.09
CA TYR C 171 -16.48 7.75 24.05
C TYR C 171 -15.78 7.27 22.79
N VAL C 172 -14.69 6.53 22.94
CA VAL C 172 -13.78 6.28 21.83
C VAL C 172 -14.14 5.03 21.04
N VAL C 173 -14.34 3.90 21.73
CA VAL C 173 -14.56 2.63 21.02
C VAL C 173 -15.81 2.66 20.14
N PRO C 174 -16.97 3.08 20.63
CA PRO C 174 -18.12 3.20 19.71
C PRO C 174 -17.89 4.19 18.57
N PHE C 175 -17.18 5.28 18.83
CA PHE C 175 -16.88 6.25 17.78
C PHE C 175 -16.00 5.61 16.69
N VAL C 176 -14.99 4.85 17.10
CA VAL C 176 -14.11 4.22 16.12
C VAL C 176 -14.86 3.12 15.37
N ALA C 177 -15.75 2.41 16.05
CA ALA C 177 -16.57 1.42 15.36
C ALA C 177 -17.44 2.09 14.30
N LYS C 178 -18.06 3.22 14.63
CA LYS C 178 -18.87 3.94 13.66
C LYS C 178 -18.04 4.42 12.49
N VAL C 179 -16.83 4.92 12.76
CA VAL C 179 -15.96 5.39 11.67
C VAL C 179 -15.59 4.23 10.75
N LEU C 180 -15.21 3.09 11.33
CA LEU C 180 -14.78 1.94 10.54
C LEU C 180 -15.94 1.22 9.87
N GLU C 181 -17.19 1.51 10.26
CA GLU C 181 -18.32 0.82 9.65
C GLU C 181 -18.39 1.05 8.15
N SER C 182 -17.98 2.21 7.67
CA SER C 182 -18.05 2.56 6.26
C SER C 182 -16.86 2.06 5.47
N SER C 183 -15.91 1.38 6.11
CA SER C 183 -14.75 0.88 5.39
C SER C 183 -15.11 -0.20 4.40
N ILE C 184 -16.21 -0.93 4.64
CA ILE C 184 -16.59 -2.03 3.77
C ILE C 184 -17.05 -1.54 2.41
N ARG C 185 -17.46 -0.28 2.30
CA ARG C 185 -17.91 0.28 1.04
C ARG C 185 -16.80 0.98 0.27
N SER C 186 -15.56 0.87 0.75
CA SER C 186 -14.41 1.49 0.10
C SER C 186 -13.55 0.41 -0.53
N VAL C 187 -13.29 0.54 -1.83
CA VAL C 187 -12.41 -0.42 -2.49
C VAL C 187 -10.97 -0.25 -2.03
N VAL C 188 -10.64 0.85 -1.38
CA VAL C 188 -9.29 1.09 -0.88
C VAL C 188 -9.18 0.70 0.59
N PHE C 189 -10.21 1.00 1.39
CA PHE C 189 -10.17 0.79 2.83
C PHE C 189 -10.94 -0.46 3.27
N ARG C 190 -11.06 -1.44 2.40
CA ARG C 190 -11.70 -2.71 2.73
C ARG C 190 -10.88 -3.41 3.82
N PRO C 191 -11.37 -4.48 4.43
CA PRO C 191 -10.66 -5.08 5.57
C PRO C 191 -9.18 -5.31 5.29
N PRO C 192 -8.78 -5.93 4.14
CA PRO C 192 -7.35 -6.25 3.97
C PRO C 192 -6.41 -5.04 4.00
N ASN C 193 -6.96 -3.83 4.12
CA ASN C 193 -6.12 -2.64 4.20
C ASN C 193 -5.26 -2.68 5.46
N PRO C 194 -3.96 -2.38 5.34
CA PRO C 194 -3.11 -2.39 6.54
C PRO C 194 -3.57 -1.45 7.63
N TRP C 195 -4.10 -0.28 7.27
CA TRP C 195 -4.56 0.66 8.29
C TRP C 195 -5.79 0.14 9.03
N THR C 196 -6.73 -0.42 8.27
CA THR C 196 -7.94 -0.96 8.91
C THR C 196 -7.61 -2.13 9.81
N MET C 197 -6.71 -3.03 9.36
CA MET C 197 -6.27 -4.08 10.27
C MET C 197 -5.48 -3.53 11.46
N ALA C 198 -4.75 -2.44 11.28
CA ALA C 198 -4.03 -1.84 12.40
C ALA C 198 -5.00 -1.38 13.48
N ILE C 199 -6.10 -0.74 13.07
CA ILE C 199 -7.10 -0.32 14.05
C ILE C 199 -7.84 -1.53 14.62
N MET C 200 -8.16 -2.50 13.77
CA MET C 200 -8.97 -3.63 14.20
C MET C 200 -8.22 -4.55 15.16
N ASN C 201 -6.91 -4.67 15.03
CA ASN C 201 -6.16 -5.48 15.97
C ASN C 201 -6.13 -4.83 17.35
N VAL C 202 -6.03 -3.51 17.40
CA VAL C 202 -6.10 -2.81 18.68
C VAL C 202 -7.47 -2.99 19.31
N LEU C 203 -8.53 -2.86 18.50
CA LEU C 203 -9.87 -3.11 19.03
C LEU C 203 -10.02 -4.55 19.49
N ALA C 204 -9.34 -5.49 18.83
CA ALA C 204 -9.36 -6.88 19.26
C ALA C 204 -8.67 -7.04 20.61
N GLU C 205 -7.57 -6.32 20.82
CA GLU C 205 -6.92 -6.34 22.12
C GLU C 205 -7.86 -5.83 23.20
N LEU C 206 -8.53 -4.70 22.92
CA LEU C 206 -9.48 -4.14 23.88
C LEU C 206 -10.61 -5.12 24.15
N HIS C 207 -11.06 -5.84 23.12
CA HIS C 207 -12.05 -6.89 23.29
C HIS C 207 -11.53 -7.98 24.23
N GLN C 208 -10.28 -8.38 24.06
CA GLN C 208 -9.70 -9.41 24.92
C GLN C 208 -9.49 -8.92 26.35
N GLU C 209 -9.43 -7.60 26.56
CA GLU C 209 -9.19 -7.08 27.90
C GLU C 209 -10.28 -7.53 28.87
N HIS C 210 -9.86 -7.97 30.06
CA HIS C 210 -10.80 -8.44 31.06
C HIS C 210 -11.47 -7.30 31.82
N ASP C 211 -10.89 -6.10 31.80
CA ASP C 211 -11.48 -4.96 32.47
C ASP C 211 -12.46 -4.19 31.60
N LEU C 212 -12.53 -4.51 30.31
CA LEU C 212 -13.51 -3.85 29.45
C LEU C 212 -14.90 -4.40 29.71
N LYS C 213 -15.89 -3.60 29.36
CA LYS C 213 -17.27 -3.91 29.70
C LYS C 213 -17.95 -4.69 28.57
N LEU C 214 -19.05 -5.36 28.93
CA LEU C 214 -19.79 -6.16 27.97
C LEU C 214 -20.34 -5.30 26.85
N ASN C 215 -20.71 -4.05 27.16
CA ASN C 215 -21.21 -3.14 26.14
C ASN C 215 -20.18 -2.91 25.04
N LEU C 216 -18.96 -2.53 25.45
CA LEU C 216 -17.90 -2.28 24.48
C LEU C 216 -17.51 -3.55 23.75
N LYS C 217 -17.48 -4.68 24.47
CA LYS C 217 -17.10 -5.93 23.82
C LYS C 217 -18.11 -6.32 22.74
N PHE C 218 -19.39 -6.19 23.04
CA PHE C 218 -20.41 -6.49 22.03
C PHE C 218 -20.37 -5.49 20.88
N GLU C 219 -20.01 -4.23 21.17
CA GLU C 219 -19.86 -3.27 20.07
C GLU C 219 -18.72 -3.64 19.14
N ILE C 220 -17.58 -4.08 19.71
CA ILE C 220 -16.47 -4.52 18.88
C ILE C 220 -16.87 -5.73 18.05
N GLU C 221 -17.60 -6.67 18.67
CA GLU C 221 -18.05 -7.85 17.94
C GLU C 221 -19.01 -7.48 16.81
N VAL C 222 -19.87 -6.49 17.05
CA VAL C 222 -20.79 -6.01 16.03
C VAL C 222 -20.02 -5.42 14.86
N LEU C 223 -18.99 -4.62 15.16
CA LEU C 223 -18.18 -4.05 14.08
C LEU C 223 -17.48 -5.15 13.28
N CYS C 224 -16.98 -6.17 13.98
CA CYS C 224 -16.33 -7.28 13.27
C CYS C 224 -17.31 -8.00 12.36
N LYS C 225 -18.53 -8.24 12.84
CA LYS C 225 -19.55 -8.86 12.01
C LYS C 225 -19.87 -7.98 10.80
N ASN C 226 -19.99 -6.67 11.01
CA ASN C 226 -20.32 -5.76 9.91
C ASN C 226 -19.23 -5.73 8.86
N LEU C 227 -17.97 -5.83 9.27
CA LEU C 227 -16.88 -5.92 8.33
C LEU C 227 -16.61 -7.34 7.85
N ALA C 228 -17.40 -8.31 8.33
CA ALA C 228 -17.34 -9.70 7.88
C ALA C 228 -16.03 -10.38 8.27
N LEU C 229 -15.45 -9.97 9.39
CA LEU C 229 -14.24 -10.56 9.92
C LEU C 229 -14.59 -11.51 11.06
N ASP C 230 -13.60 -12.30 11.48
CA ASP C 230 -13.74 -13.19 12.61
C ASP C 230 -12.81 -12.72 13.73
N ILE C 231 -13.38 -12.47 14.91
CA ILE C 231 -12.60 -11.95 16.02
C ILE C 231 -11.52 -12.95 16.43
N ASN C 232 -11.77 -14.24 16.21
CA ASN C 232 -10.76 -15.25 16.49
C ASN C 232 -9.67 -15.29 15.44
N GLU C 233 -9.97 -14.89 14.20
CA GLU C 233 -9.00 -14.94 13.12
C GLU C 233 -8.08 -13.73 13.07
N LEU C 234 -8.28 -12.74 13.92
CA LEU C 234 -7.44 -11.55 13.90
C LEU C 234 -6.05 -11.86 14.47
N LYS C 235 -5.18 -10.85 14.45
CA LYS C 235 -3.81 -10.98 14.91
C LYS C 235 -3.52 -9.90 15.95
N PRO C 236 -4.00 -10.08 17.17
CA PRO C 236 -3.72 -9.09 18.23
C PRO C 236 -2.26 -9.07 18.61
N GLY C 237 -1.81 -7.90 19.05
CA GLY C 237 -0.43 -7.75 19.47
C GLY C 237 -0.28 -7.49 20.97
N ASN C 238 0.74 -6.74 21.34
CA ASN C 238 0.99 -6.38 22.73
C ASN C 238 1.11 -4.87 22.90
N LEU C 239 0.32 -4.11 22.15
CA LEU C 239 0.44 -2.66 22.19
C LEU C 239 0.03 -2.09 23.55
N LEU C 240 -0.93 -2.73 24.23
CA LEU C 240 -1.36 -2.27 25.54
C LEU C 240 -0.34 -2.56 26.62
N LYS C 241 0.69 -3.36 26.35
CA LYS C 241 1.69 -3.71 27.34
C LYS C 241 2.97 -2.89 27.24
N ASP C 242 3.01 -1.88 26.37
CA ASP C 242 4.19 -1.03 26.21
C ASP C 242 3.97 0.25 27.02
N LYS C 243 4.38 0.20 28.28
CA LYS C 243 4.22 1.36 29.16
C LYS C 243 5.01 2.56 28.63
N ASP C 244 6.20 2.31 28.10
CA ASP C 244 7.01 3.39 27.55
C ASP C 244 6.30 4.08 26.39
N ARG C 245 5.68 3.30 25.49
CA ARG C 245 4.94 3.90 24.38
C ARG C 245 3.70 4.63 24.86
N LEU C 246 3.00 4.07 25.86
CA LEU C 246 1.79 4.72 26.35
C LEU C 246 2.07 5.94 27.20
N LYS C 247 3.31 6.11 27.68
CA LYS C 247 3.62 7.29 28.49
C LYS C 247 3.74 8.55 27.63
N ASN C 248 4.37 8.44 26.47
CA ASN C 248 4.69 9.60 25.64
C ASN C 248 3.68 9.84 24.52
N LEU C 249 2.44 9.39 24.70
CA LEU C 249 1.44 9.50 23.65
C LEU C 249 1.03 10.96 23.43
N ASP C 250 0.74 11.29 22.18
CA ASP C 250 0.13 12.57 21.86
C ASP C 250 -1.27 12.64 22.46
N GLU C 251 -1.64 13.81 22.95
CA GLU C 251 -2.85 13.99 23.74
C GLU C 251 -3.94 14.61 22.87
N GLN C 252 -4.87 13.77 22.40
CA GLN C 252 -6.08 14.23 21.74
C GLN C 252 -7.29 14.22 22.66
N LEU C 253 -7.13 13.75 23.89
CA LEU C 253 -8.21 13.63 24.86
C LEU C 253 -7.91 14.53 26.05
N SER C 254 -8.70 14.37 27.11
CA SER C 254 -8.52 15.16 28.32
C SER C 254 -9.22 14.51 29.51
MG MG D . 16.42 1.15 -9.16
#